data_2PVM
#
_entry.id   2PVM
#
_cell.length_a   143.638
_cell.length_b   60.145
_cell.length_c   44.984
_cell.angle_alpha   90.000
_cell.angle_beta   102.901
_cell.angle_gamma   90.000
#
_symmetry.space_group_name_H-M   'C 1 2 1'
#
loop_
_entity.id
_entity.type
_entity.pdbx_description
1 polymer 'Casein kinase II subunit alpha'
2 non-polymer 4-(2-(1H-IMIDAZOL-4-YL)ETHYLAMINO)-2-(PHENYLAMINO)PYRAZOLO[1,5-A][1,3,5]TRIAZINE-8-CARBONITRILE
3 water water
#
_entity_poly.entity_id   1
_entity_poly.type   'polypeptide(L)'
_entity_poly.pdbx_seq_one_letter_code
;MGSSHHHHHHSSGLVPRGSHMSKARVYADVNVLRPKEYWDYEALTVQWGEQDDYEVVRKVGRGKYSEVFEGINVNNNEKC
IIKILKPVKKKKIKREIKILQNL(CSO)GGPNIVKLLDIVRDQHSKTPSLIFEYVNNTDFKVLYPTLTDYDIRYYIYELL
KALDYCHSQGIMHRDVKPHNVMIDHELRKLRLIDWGLAEFYHPGKEYNVRVASRYFKGPELLVDLQDYDYSLDMWSLGCM
FAGMIFRKEPFFYGHDNHDQLVKIAKVLGTDGLNAYLNKYRIELDPQLEALVGRHSRKPWLKFMNADNQHLVSPEAIDFL
DKLLRYDHQERLTALEAMTHPYFQQVRAAENSRTRA
;
_entity_poly.pdbx_strand_id   A
#
loop_
_chem_comp.id
_chem_comp.type
_chem_comp.name
_chem_comp.formula
P29 non-polymer 4-(2-(1H-IMIDAZOL-4-YL)ETHYLAMINO)-2-(PHENYLAMINO)PYRAZOLO[1,5-A][1,3,5]TRIAZINE-8-CARBONITRILE 'C17 H15 N9'
#
# COMPACT_ATOMS: atom_id res chain seq x y z
N MET A 21 4.04 15.60 18.58
CA MET A 21 4.20 14.16 18.93
C MET A 21 2.97 13.37 18.49
N SER A 22 3.10 12.70 17.34
CA SER A 22 1.98 11.92 16.82
C SER A 22 2.15 10.43 17.05
N LYS A 23 1.03 9.73 17.27
CA LYS A 23 1.08 8.29 17.47
C LYS A 23 -0.17 7.66 16.87
N ALA A 24 -0.07 6.39 16.52
CA ALA A 24 -1.20 5.67 15.94
C ALA A 24 -2.36 5.64 16.95
N ARG A 25 -3.59 5.67 16.44
CA ARG A 25 -4.77 5.64 17.30
C ARG A 25 -5.17 4.21 17.65
N VAL A 26 -4.60 3.26 16.92
CA VAL A 26 -4.88 1.84 17.15
C VAL A 26 -3.58 1.06 16.94
N TYR A 27 -3.51 -0.13 17.52
CA TYR A 27 -2.35 -1.01 17.38
C TYR A 27 -1.02 -0.32 17.69
N ALA A 28 -1.06 0.70 18.53
CA ALA A 28 0.14 1.43 18.88
C ALA A 28 1.16 0.62 19.66
N ASP A 29 0.70 -0.25 20.54
CA ASP A 29 1.60 -1.05 21.38
C ASP A 29 1.85 -2.49 20.94
N VAL A 30 1.51 -2.82 19.70
CA VAL A 30 1.70 -4.17 19.20
C VAL A 30 3.14 -4.67 19.33
N ASN A 31 4.10 -3.86 18.88
CA ASN A 31 5.48 -4.29 18.98
C ASN A 31 6.07 -4.15 20.37
N VAL A 32 5.38 -3.41 21.23
CA VAL A 32 5.85 -3.22 22.61
C VAL A 32 5.56 -4.50 23.40
N LEU A 33 4.42 -5.11 23.14
CA LEU A 33 4.01 -6.31 23.85
C LEU A 33 4.55 -7.62 23.29
N ARG A 34 5.03 -7.60 22.05
CA ARG A 34 5.56 -8.80 21.46
C ARG A 34 7.03 -9.00 21.79
N PRO A 35 7.54 -10.24 21.64
CA PRO A 35 8.95 -10.50 21.93
C PRO A 35 9.80 -9.61 21.03
N LYS A 36 10.94 -9.17 21.52
CA LYS A 36 11.81 -8.32 20.74
C LYS A 36 12.27 -8.93 19.41
N GLU A 37 12.37 -10.26 19.37
CA GLU A 37 12.78 -10.94 18.16
C GLU A 37 11.79 -10.73 17.01
N TYR A 38 10.53 -10.51 17.35
CA TYR A 38 9.48 -10.30 16.36
C TYR A 38 9.77 -9.09 15.47
N TRP A 39 10.26 -8.00 16.08
CA TRP A 39 10.53 -6.78 15.32
C TRP A 39 12.02 -6.47 15.12
N ASP A 40 12.90 -7.15 15.83
CA ASP A 40 14.33 -6.91 15.69
C ASP A 40 14.81 -7.69 14.47
N TYR A 41 14.35 -7.26 13.29
CA TYR A 41 14.69 -7.94 12.04
C TYR A 41 16.17 -8.07 11.75
N GLU A 42 17.00 -7.16 12.23
CA GLU A 42 18.42 -7.27 11.99
C GLU A 42 19.03 -8.50 12.65
N ALA A 43 18.36 -9.03 13.68
CA ALA A 43 18.85 -10.21 14.38
C ALA A 43 18.53 -11.50 13.63
N LEU A 44 17.74 -11.38 12.56
CA LEU A 44 17.35 -12.52 11.74
C LEU A 44 18.54 -13.20 11.07
N THR A 45 18.48 -14.52 11.00
CA THR A 45 19.52 -15.31 10.33
C THR A 45 18.81 -16.00 9.18
N VAL A 46 19.05 -15.52 7.97
CA VAL A 46 18.41 -16.07 6.78
C VAL A 46 18.80 -17.53 6.54
N GLN A 47 17.78 -18.37 6.31
CA GLN A 47 17.98 -19.78 6.02
C GLN A 47 17.75 -19.91 4.52
N TRP A 48 18.82 -20.09 3.75
CA TRP A 48 18.72 -20.20 2.31
C TRP A 48 18.22 -21.56 1.83
N GLY A 49 17.30 -21.53 0.87
CA GLY A 49 16.76 -22.76 0.33
C GLY A 49 17.61 -23.24 -0.84
N GLU A 50 17.11 -24.19 -1.61
CA GLU A 50 17.83 -24.71 -2.75
C GLU A 50 17.45 -23.97 -4.03
N GLN A 51 18.43 -23.27 -4.60
CA GLN A 51 18.22 -22.50 -5.81
C GLN A 51 17.72 -23.35 -6.99
N ASP A 52 18.20 -24.59 -7.08
CA ASP A 52 17.79 -25.47 -8.17
C ASP A 52 16.34 -25.93 -8.07
N ASP A 53 15.70 -25.68 -6.93
CA ASP A 53 14.31 -26.09 -6.78
C ASP A 53 13.39 -25.24 -7.64
N TYR A 54 13.88 -24.09 -8.08
CA TYR A 54 13.07 -23.18 -8.86
C TYR A 54 13.66 -22.80 -10.22
N GLU A 55 12.85 -22.95 -11.26
CA GLU A 55 13.29 -22.63 -12.61
C GLU A 55 12.49 -21.50 -13.23
N VAL A 56 13.21 -20.59 -13.90
CA VAL A 56 12.58 -19.46 -14.56
C VAL A 56 11.84 -19.91 -15.81
N VAL A 57 10.59 -19.47 -15.93
CA VAL A 57 9.77 -19.83 -17.08
C VAL A 57 9.75 -18.66 -18.06
N ARG A 58 9.61 -17.45 -17.54
CA ARG A 58 9.55 -16.26 -18.38
C ARG A 58 9.51 -15.00 -17.53
N LYS A 59 10.17 -13.95 -18.01
CA LYS A 59 10.18 -12.67 -17.30
C LYS A 59 8.79 -12.06 -17.45
N VAL A 60 8.24 -11.55 -16.35
CA VAL A 60 6.90 -10.96 -16.39
C VAL A 60 6.90 -9.49 -16.02
N GLY A 61 8.00 -9.03 -15.43
CA GLY A 61 8.08 -7.63 -15.04
C GLY A 61 9.43 -7.23 -14.48
N ARG A 62 9.50 -5.98 -14.03
CA ARG A 62 10.73 -5.45 -13.47
C ARG A 62 10.43 -4.23 -12.61
N GLY A 63 11.41 -3.85 -11.81
CA GLY A 63 11.26 -2.69 -10.95
C GLY A 63 12.64 -2.10 -10.76
N LYS A 64 12.77 -1.09 -9.90
CA LYS A 64 14.07 -0.49 -9.68
C LYS A 64 14.88 -1.37 -8.72
N TYR A 65 14.21 -2.28 -8.03
CA TYR A 65 14.87 -3.16 -7.07
C TYR A 65 15.02 -4.62 -7.50
N SER A 66 14.34 -5.00 -8.58
CA SER A 66 14.42 -6.37 -9.05
C SER A 66 13.78 -6.66 -10.40
N GLU A 67 14.01 -7.88 -10.88
CA GLU A 67 13.43 -8.36 -12.12
C GLU A 67 12.55 -9.52 -11.68
N VAL A 68 11.33 -9.57 -12.22
CA VAL A 68 10.38 -10.59 -11.84
C VAL A 68 10.12 -11.59 -12.94
N PHE A 69 10.07 -12.86 -12.55
CA PHE A 69 9.83 -13.93 -13.52
C PHE A 69 8.78 -14.91 -13.02
N GLU A 70 8.08 -15.53 -13.95
CA GLU A 70 7.12 -16.55 -13.61
C GLU A 70 8.04 -17.76 -13.54
N GLY A 71 7.90 -18.59 -12.52
CA GLY A 71 8.75 -19.74 -12.41
C GLY A 71 7.99 -21.00 -12.08
N ILE A 72 8.73 -22.08 -11.87
CA ILE A 72 8.13 -23.35 -11.52
C ILE A 72 8.96 -24.06 -10.45
N ASN A 73 8.27 -24.65 -9.48
CA ASN A 73 8.92 -25.40 -8.42
C ASN A 73 9.14 -26.77 -9.06
N VAL A 74 10.40 -27.15 -9.28
CA VAL A 74 10.70 -28.42 -9.92
C VAL A 74 10.25 -29.65 -9.13
N ASN A 75 10.06 -29.47 -7.83
CA ASN A 75 9.62 -30.57 -6.97
C ASN A 75 8.17 -30.94 -7.22
N ASN A 76 7.27 -29.99 -7.01
CA ASN A 76 5.85 -30.22 -7.20
C ASN A 76 5.29 -29.73 -8.53
N ASN A 77 6.16 -29.15 -9.36
CA ASN A 77 5.75 -28.65 -10.67
C ASN A 77 4.68 -27.56 -10.56
N GLU A 78 4.65 -26.85 -9.44
CA GLU A 78 3.69 -25.76 -9.25
C GLU A 78 4.30 -24.41 -9.64
N LYS A 79 3.46 -23.49 -10.05
CA LYS A 79 3.92 -22.16 -10.47
C LYS A 79 4.31 -21.30 -9.28
N CYS A 80 5.17 -20.32 -9.54
CA CYS A 80 5.64 -19.40 -8.51
C CYS A 80 6.16 -18.12 -9.17
N ILE A 81 6.51 -17.14 -8.34
CA ILE A 81 7.04 -15.89 -8.84
C ILE A 81 8.45 -15.78 -8.29
N ILE A 82 9.41 -15.51 -9.16
CA ILE A 82 10.79 -15.38 -8.73
C ILE A 82 11.21 -13.93 -8.87
N LYS A 83 11.57 -13.34 -7.74
CA LYS A 83 12.01 -11.95 -7.69
C LYS A 83 13.53 -11.93 -7.51
N ILE A 84 14.25 -11.67 -8.59
CA ILE A 84 15.70 -11.62 -8.54
C ILE A 84 16.08 -10.19 -8.17
N LEU A 85 16.60 -10.02 -6.96
CA LEU A 85 16.95 -8.71 -6.46
C LEU A 85 18.27 -8.14 -6.94
N LYS A 86 18.28 -6.84 -7.17
CA LYS A 86 19.48 -6.14 -7.57
C LYS A 86 20.23 -5.91 -6.26
N PRO A 87 21.53 -5.59 -6.32
CA PRO A 87 22.30 -5.37 -5.09
C PRO A 87 21.49 -4.65 -4.01
N VAL A 88 21.41 -5.27 -2.84
CA VAL A 88 20.65 -4.70 -1.73
C VAL A 88 21.41 -4.89 -0.40
N LYS A 89 21.25 -3.93 0.51
CA LYS A 89 21.93 -4.00 1.81
C LYS A 89 21.36 -5.12 2.67
N LYS A 90 22.21 -5.72 3.48
CA LYS A 90 21.79 -6.80 4.36
C LYS A 90 20.64 -6.38 5.27
N LYS A 91 20.76 -5.19 5.87
CA LYS A 91 19.71 -4.69 6.76
C LYS A 91 18.40 -4.59 6.01
N LYS A 92 18.49 -4.02 4.82
CA LYS A 92 17.34 -3.80 3.94
C LYS A 92 16.57 -5.09 3.63
N ILE A 93 17.27 -6.11 3.13
CA ILE A 93 16.61 -7.37 2.78
C ILE A 93 16.08 -8.17 3.98
N LYS A 94 16.74 -8.08 5.13
CA LYS A 94 16.27 -8.80 6.31
C LYS A 94 14.94 -8.23 6.77
N ARG A 95 14.76 -6.92 6.58
CA ARG A 95 13.52 -6.27 6.98
C ARG A 95 12.34 -6.82 6.17
N GLU A 96 12.53 -6.97 4.86
CA GLU A 96 11.47 -7.48 4.01
C GLU A 96 11.17 -8.94 4.34
N ILE A 97 12.22 -9.73 4.53
CA ILE A 97 12.06 -11.14 4.85
C ILE A 97 11.32 -11.33 6.18
N LYS A 98 11.75 -10.62 7.21
CA LYS A 98 11.12 -10.74 8.52
C LYS A 98 9.64 -10.35 8.46
N ILE A 99 9.33 -9.26 7.76
CA ILE A 99 7.95 -8.83 7.66
C ILE A 99 7.10 -9.86 6.95
N LEU A 100 7.62 -10.45 5.89
CA LEU A 100 6.88 -11.47 5.13
C LEU A 100 6.64 -12.71 5.98
N GLN A 101 7.62 -13.10 6.78
CA GLN A 101 7.48 -14.27 7.64
C GLN A 101 6.48 -13.98 8.74
N ASN A 102 6.54 -12.77 9.30
CA ASN A 102 5.62 -12.40 10.37
C ASN A 102 4.17 -12.35 9.89
N LEU A 103 3.99 -11.95 8.63
CA LEU A 103 2.64 -11.85 8.08
C LEU A 103 2.16 -13.06 7.26
N CSO A 104 3.08 -13.93 6.89
CA CSO A 104 2.70 -15.09 6.07
CB CSO A 104 3.89 -16.05 5.90
SG CSO A 104 3.73 -17.21 4.49
C CSO A 104 1.51 -15.83 6.70
O CSO A 104 1.53 -16.14 7.88
OD CSO A 104 2.95 -18.47 5.24
N GLY A 105 0.48 -16.07 5.89
CA GLY A 105 -0.70 -16.75 6.39
C GLY A 105 -1.86 -15.82 6.66
N GLY A 106 -1.56 -14.54 6.82
CA GLY A 106 -2.60 -13.55 7.06
C GLY A 106 -3.49 -13.35 5.85
N PRO A 107 -4.71 -12.82 6.03
CA PRO A 107 -5.69 -12.56 4.96
C PRO A 107 -5.12 -11.76 3.78
N ASN A 108 -5.10 -12.40 2.61
CA ASN A 108 -4.63 -11.78 1.38
C ASN A 108 -3.20 -11.21 1.40
N ILE A 109 -2.34 -11.78 2.24
CA ILE A 109 -0.95 -11.35 2.29
C ILE A 109 -0.19 -12.33 1.39
N VAL A 110 0.54 -11.82 0.40
CA VAL A 110 1.29 -12.70 -0.50
C VAL A 110 2.19 -13.62 0.33
N LYS A 111 2.31 -14.88 -0.08
CA LYS A 111 3.15 -15.81 0.65
C LYS A 111 4.58 -15.93 0.13
N LEU A 112 5.53 -15.80 1.05
CA LEU A 112 6.94 -15.95 0.72
C LEU A 112 7.19 -17.44 0.88
N LEU A 113 7.47 -18.12 -0.22
CA LEU A 113 7.69 -19.56 -0.18
C LEU A 113 9.13 -19.96 0.12
N ASP A 114 10.09 -19.23 -0.45
CA ASP A 114 11.49 -19.58 -0.24
C ASP A 114 12.42 -18.39 -0.46
N ILE A 115 13.67 -18.56 -0.05
CA ILE A 115 14.70 -17.54 -0.17
C ILE A 115 15.97 -18.25 -0.65
N VAL A 116 16.51 -17.85 -1.80
CA VAL A 116 17.71 -18.48 -2.33
C VAL A 116 18.72 -17.48 -2.88
N ARG A 117 19.95 -17.93 -3.08
CA ARG A 117 21.01 -17.07 -3.61
C ARG A 117 21.95 -17.81 -4.53
N ASP A 118 22.54 -17.08 -5.47
CA ASP A 118 23.49 -17.64 -6.41
C ASP A 118 24.85 -17.62 -5.71
N GLN A 119 25.44 -18.80 -5.55
CA GLN A 119 26.74 -18.95 -4.87
C GLN A 119 27.84 -18.01 -5.37
N HIS A 120 28.04 -17.94 -6.69
CA HIS A 120 29.09 -17.11 -7.26
C HIS A 120 28.88 -15.60 -7.15
N SER A 121 27.71 -15.12 -7.56
CA SER A 121 27.43 -13.68 -7.51
C SER A 121 26.80 -13.22 -6.21
N LYS A 122 26.24 -14.16 -5.46
CA LYS A 122 25.58 -13.87 -4.19
C LYS A 122 24.25 -13.14 -4.41
N THR A 123 23.76 -13.18 -5.65
CA THR A 123 22.49 -12.55 -5.97
C THR A 123 21.35 -13.35 -5.33
N PRO A 124 20.56 -12.71 -4.46
CA PRO A 124 19.45 -13.39 -3.79
C PRO A 124 18.15 -13.29 -4.60
N SER A 125 17.29 -14.28 -4.43
CA SER A 125 16.00 -14.30 -5.10
C SER A 125 14.95 -14.71 -4.08
N LEU A 126 13.80 -14.02 -4.10
CA LEU A 126 12.71 -14.34 -3.21
C LEU A 126 11.67 -15.09 -4.02
N ILE A 127 11.19 -16.21 -3.50
CA ILE A 127 10.19 -17.02 -4.20
C ILE A 127 8.82 -16.78 -3.58
N PHE A 128 7.87 -16.33 -4.39
CA PHE A 128 6.53 -16.02 -3.92
C PHE A 128 5.47 -16.89 -4.58
N GLU A 129 4.31 -16.95 -3.94
CA GLU A 129 3.19 -17.71 -4.48
C GLU A 129 2.83 -16.99 -5.78
N TYR A 130 2.30 -17.74 -6.74
CA TYR A 130 1.93 -17.16 -8.02
C TYR A 130 0.47 -16.72 -8.05
N VAL A 131 0.22 -15.53 -8.58
CA VAL A 131 -1.13 -15.03 -8.71
C VAL A 131 -1.32 -14.71 -10.19
N ASN A 132 -2.40 -15.22 -10.78
CA ASN A 132 -2.68 -14.98 -12.19
C ASN A 132 -3.31 -13.59 -12.36
N ASN A 133 -2.49 -12.58 -12.10
CA ASN A 133 -2.90 -11.19 -12.17
C ASN A 133 -3.22 -10.64 -13.56
N THR A 134 -4.04 -9.61 -13.60
CA THR A 134 -4.37 -8.95 -14.85
C THR A 134 -3.99 -7.49 -14.67
N ASP A 135 -3.12 -6.99 -15.55
CA ASP A 135 -2.66 -5.61 -15.51
C ASP A 135 -3.80 -4.68 -15.10
N PHE A 136 -3.62 -3.95 -14.01
CA PHE A 136 -4.66 -3.07 -13.52
C PHE A 136 -5.13 -2.05 -14.55
N LYS A 137 -4.24 -1.67 -15.46
CA LYS A 137 -4.60 -0.71 -16.48
C LYS A 137 -5.69 -1.26 -17.40
N VAL A 138 -5.70 -2.58 -17.56
CA VAL A 138 -6.71 -3.22 -18.39
C VAL A 138 -7.87 -3.72 -17.54
N LEU A 139 -7.56 -4.19 -16.34
CA LEU A 139 -8.57 -4.71 -15.43
C LEU A 139 -9.57 -3.68 -14.87
N TYR A 140 -9.07 -2.66 -14.18
CA TYR A 140 -9.93 -1.66 -13.57
C TYR A 140 -11.07 -1.10 -14.43
N PRO A 141 -10.82 -0.84 -15.72
CA PRO A 141 -11.89 -0.32 -16.58
C PRO A 141 -13.09 -1.27 -16.74
N THR A 142 -12.89 -2.56 -16.47
CA THR A 142 -13.96 -3.54 -16.61
C THR A 142 -14.65 -3.87 -15.28
N LEU A 143 -14.13 -3.35 -14.18
CA LEU A 143 -14.73 -3.64 -12.88
C LEU A 143 -16.08 -2.96 -12.72
N THR A 144 -17.05 -3.71 -12.22
CA THR A 144 -18.39 -3.18 -11.98
C THR A 144 -18.37 -2.48 -10.62
N ASP A 145 -19.46 -1.79 -10.28
CA ASP A 145 -19.54 -1.11 -8.99
C ASP A 145 -19.27 -2.11 -7.88
N TYR A 146 -19.94 -3.26 -7.95
CA TYR A 146 -19.76 -4.28 -6.92
C TYR A 146 -18.35 -4.84 -6.84
N ASP A 147 -17.70 -5.02 -8.00
CA ASP A 147 -16.34 -5.54 -8.03
C ASP A 147 -15.40 -4.62 -7.26
N ILE A 148 -15.57 -3.32 -7.46
CA ILE A 148 -14.73 -2.34 -6.78
C ILE A 148 -14.89 -2.47 -5.27
N ARG A 149 -16.12 -2.52 -4.79
CA ARG A 149 -16.38 -2.64 -3.36
C ARG A 149 -15.78 -3.95 -2.84
N TYR A 150 -15.97 -5.01 -3.60
CA TYR A 150 -15.45 -6.32 -3.24
C TYR A 150 -13.93 -6.37 -3.13
N TYR A 151 -13.23 -5.90 -4.16
CA TYR A 151 -11.78 -5.95 -4.13
C TYR A 151 -11.16 -5.01 -3.10
N ILE A 152 -11.77 -3.84 -2.93
CA ILE A 152 -11.27 -2.87 -1.96
C ILE A 152 -11.46 -3.48 -0.56
N TYR A 153 -12.57 -4.16 -0.34
CA TYR A 153 -12.83 -4.80 0.94
C TYR A 153 -11.73 -5.83 1.20
N GLU A 154 -11.42 -6.61 0.17
CA GLU A 154 -10.37 -7.63 0.28
C GLU A 154 -9.01 -7.01 0.61
N LEU A 155 -8.71 -5.88 -0.03
CA LEU A 155 -7.44 -5.21 0.23
C LEU A 155 -7.42 -4.69 1.66
N LEU A 156 -8.57 -4.21 2.14
CA LEU A 156 -8.70 -3.70 3.50
C LEU A 156 -8.37 -4.77 4.53
N LYS A 157 -8.82 -6.00 4.28
CA LYS A 157 -8.55 -7.13 5.17
C LYS A 157 -7.05 -7.28 5.36
N ALA A 158 -6.31 -7.13 4.26
CA ALA A 158 -4.86 -7.26 4.30
C ALA A 158 -4.23 -6.14 5.11
N LEU A 159 -4.75 -4.92 4.94
CA LEU A 159 -4.21 -3.78 5.66
C LEU A 159 -4.54 -3.85 7.15
N ASP A 160 -5.77 -4.18 7.50
CA ASP A 160 -6.09 -4.27 8.92
C ASP A 160 -5.23 -5.37 9.53
N TYR A 161 -5.01 -6.43 8.78
CA TYR A 161 -4.20 -7.51 9.29
C TYR A 161 -2.75 -7.07 9.57
N CYS A 162 -2.07 -6.49 8.57
CA CYS A 162 -0.68 -6.11 8.80
C CYS A 162 -0.58 -5.03 9.88
N HIS A 163 -1.52 -4.10 9.89
CA HIS A 163 -1.50 -3.06 10.92
C HIS A 163 -1.67 -3.70 12.30
N SER A 164 -2.58 -4.68 12.39
CA SER A 164 -2.82 -5.37 13.65
C SER A 164 -1.56 -6.12 14.09
N GLN A 165 -0.67 -6.39 13.15
CA GLN A 165 0.56 -7.09 13.44
C GLN A 165 1.73 -6.12 13.60
N GLY A 166 1.40 -4.84 13.77
CA GLY A 166 2.40 -3.80 13.97
C GLY A 166 3.23 -3.44 12.76
N ILE A 167 2.65 -3.62 11.57
CA ILE A 167 3.38 -3.33 10.32
C ILE A 167 2.65 -2.38 9.38
N MET A 168 3.42 -1.43 8.83
CA MET A 168 2.93 -0.45 7.87
C MET A 168 3.45 -0.92 6.50
N HIS A 169 2.58 -0.97 5.49
CA HIS A 169 3.03 -1.42 4.18
C HIS A 169 3.88 -0.34 3.51
N ARG A 170 3.38 0.89 3.54
CA ARG A 170 4.06 2.06 3.00
C ARG A 170 4.26 2.15 1.49
N ASP A 171 3.57 1.31 0.73
CA ASP A 171 3.68 1.36 -0.73
C ASP A 171 2.44 0.78 -1.38
N VAL A 172 1.29 1.13 -0.83
CA VAL A 172 0.03 0.65 -1.37
C VAL A 172 -0.23 1.38 -2.67
N LYS A 173 -0.49 0.61 -3.73
CA LYS A 173 -0.77 1.14 -5.05
C LYS A 173 -1.23 -0.03 -5.93
N PRO A 174 -1.90 0.25 -7.05
CA PRO A 174 -2.37 -0.82 -7.94
C PRO A 174 -1.31 -1.87 -8.32
N HIS A 175 -0.10 -1.42 -8.62
CA HIS A 175 0.99 -2.32 -8.98
C HIS A 175 1.33 -3.33 -7.88
N ASN A 176 0.97 -3.01 -6.64
CA ASN A 176 1.27 -3.90 -5.53
C ASN A 176 0.08 -4.69 -5.05
N VAL A 177 -0.95 -4.73 -5.89
CA VAL A 177 -2.16 -5.47 -5.58
C VAL A 177 -2.45 -6.42 -6.74
N MET A 178 -2.07 -7.68 -6.57
CA MET A 178 -2.30 -8.70 -7.59
C MET A 178 -3.74 -9.16 -7.51
N ILE A 179 -4.37 -9.28 -8.67
CA ILE A 179 -5.75 -9.70 -8.71
C ILE A 179 -6.03 -10.69 -9.83
N ASP A 180 -6.47 -11.87 -9.42
CA ASP A 180 -6.85 -12.92 -10.34
C ASP A 180 -8.36 -12.70 -10.44
N HIS A 181 -8.79 -11.99 -11.48
CA HIS A 181 -10.21 -11.66 -11.64
C HIS A 181 -11.11 -12.87 -11.89
N GLU A 182 -10.53 -13.93 -12.44
CA GLU A 182 -11.29 -15.15 -12.71
C GLU A 182 -11.68 -15.78 -11.38
N LEU A 183 -10.68 -16.00 -10.53
CA LEU A 183 -10.89 -16.61 -9.23
C LEU A 183 -11.30 -15.59 -8.15
N ARG A 184 -11.23 -14.32 -8.50
CA ARG A 184 -11.58 -13.23 -7.58
C ARG A 184 -10.75 -13.33 -6.30
N LYS A 185 -9.45 -13.54 -6.49
CA LYS A 185 -8.49 -13.66 -5.41
C LYS A 185 -7.57 -12.45 -5.47
N LEU A 186 -7.25 -11.89 -4.31
CA LEU A 186 -6.39 -10.71 -4.24
C LEU A 186 -5.25 -10.91 -3.25
N ARG A 187 -4.09 -10.34 -3.59
CA ARG A 187 -2.91 -10.44 -2.73
C ARG A 187 -2.15 -9.11 -2.71
N LEU A 188 -1.81 -8.65 -1.52
CA LEU A 188 -1.02 -7.42 -1.36
C LEU A 188 0.42 -7.89 -1.40
N ILE A 189 1.19 -7.38 -2.37
CA ILE A 189 2.59 -7.78 -2.50
C ILE A 189 3.58 -6.65 -2.32
N ASP A 190 4.85 -6.99 -2.53
CA ASP A 190 5.99 -6.07 -2.44
C ASP A 190 6.08 -5.30 -1.13
N TRP A 191 6.51 -6.01 -0.10
CA TRP A 191 6.67 -5.46 1.24
C TRP A 191 8.07 -4.90 1.47
N GLY A 192 8.75 -4.58 0.38
CA GLY A 192 10.10 -4.04 0.47
C GLY A 192 10.20 -2.68 1.14
N LEU A 193 9.11 -1.93 1.19
CA LEU A 193 9.12 -0.63 1.82
C LEU A 193 8.41 -0.65 3.18
N ALA A 194 7.88 -1.82 3.54
CA ALA A 194 7.17 -1.98 4.80
C ALA A 194 8.10 -1.78 6.00
N GLU A 195 7.54 -1.38 7.14
CA GLU A 195 8.34 -1.15 8.34
C GLU A 195 7.50 -1.43 9.59
N PHE A 196 8.17 -1.74 10.69
CA PHE A 196 7.48 -2.01 11.95
C PHE A 196 7.15 -0.66 12.59
N TYR A 197 5.95 -0.56 13.15
CA TYR A 197 5.54 0.68 13.80
C TYR A 197 5.93 0.68 15.27
N HIS A 198 6.62 1.73 15.70
CA HIS A 198 7.05 1.90 17.08
C HIS A 198 6.64 3.34 17.46
N PRO A 199 5.81 3.50 18.50
CA PRO A 199 5.35 4.82 18.95
C PRO A 199 6.44 5.87 19.05
N GLY A 200 6.22 7.02 18.41
CA GLY A 200 7.19 8.11 18.45
C GLY A 200 8.34 8.04 17.47
N LYS A 201 8.55 6.89 16.84
CA LYS A 201 9.66 6.76 15.91
C LYS A 201 9.52 7.66 14.69
N GLU A 202 10.63 8.24 14.27
CA GLU A 202 10.64 9.10 13.11
C GLU A 202 11.12 8.27 11.93
N TYR A 203 10.27 8.11 10.93
CA TYR A 203 10.60 7.32 9.75
C TYR A 203 11.02 8.17 8.56
N ASN A 204 11.60 7.51 7.57
CA ASN A 204 12.04 8.17 6.35
C ASN A 204 10.76 8.47 5.56
N VAL A 205 10.63 9.69 5.05
CA VAL A 205 9.43 10.04 4.29
C VAL A 205 9.52 9.62 2.84
N ARG A 206 10.70 9.15 2.44
CA ARG A 206 10.90 8.70 1.07
C ARG A 206 10.38 7.29 0.85
N VAL A 207 9.07 7.13 0.97
CA VAL A 207 8.43 5.82 0.78
C VAL A 207 7.20 6.01 -0.08
N ALA A 208 6.54 4.90 -0.41
CA ALA A 208 5.34 4.93 -1.25
C ALA A 208 5.69 5.49 -2.63
N SER A 209 4.76 5.35 -3.57
CA SER A 209 4.96 5.87 -4.91
C SER A 209 4.35 7.26 -4.92
N ARG A 210 4.96 8.19 -5.63
CA ARG A 210 4.50 9.58 -5.65
C ARG A 210 2.99 9.85 -5.68
N TYR A 211 2.25 9.25 -6.61
CA TYR A 211 0.81 9.50 -6.69
C TYR A 211 0.02 9.02 -5.48
N PHE A 212 0.66 8.21 -4.64
CA PHE A 212 -0.01 7.66 -3.47
C PHE A 212 0.65 8.10 -2.16
N LYS A 213 1.55 9.07 -2.23
CA LYS A 213 2.23 9.56 -1.04
C LYS A 213 1.25 10.40 -0.23
N GLY A 214 1.17 10.12 1.07
CA GLY A 214 0.28 10.89 1.92
C GLY A 214 0.85 12.26 2.24
N PRO A 215 -0.01 13.23 2.58
CA PRO A 215 0.43 14.60 2.92
C PRO A 215 1.59 14.62 3.92
N GLU A 216 1.58 13.71 4.87
CA GLU A 216 2.63 13.65 5.88
C GLU A 216 4.02 13.46 5.26
N LEU A 217 4.10 12.67 4.22
CA LEU A 217 5.39 12.44 3.58
C LEU A 217 5.79 13.70 2.82
N LEU A 218 4.80 14.33 2.21
CA LEU A 218 5.00 15.53 1.42
C LEU A 218 5.37 16.78 2.23
N VAL A 219 5.09 16.79 3.53
CA VAL A 219 5.44 17.95 4.35
C VAL A 219 6.52 17.61 5.38
N ASP A 220 7.07 16.41 5.26
CA ASP A 220 8.13 15.91 6.13
C ASP A 220 7.75 15.63 7.58
N LEU A 221 6.55 15.10 7.81
CA LEU A 221 6.14 14.74 9.15
C LEU A 221 6.59 13.28 9.25
N GLN A 222 7.67 13.05 9.98
CA GLN A 222 8.27 11.73 10.11
C GLN A 222 7.63 10.73 11.07
N ASP A 223 6.98 11.21 12.12
CA ASP A 223 6.36 10.28 13.06
C ASP A 223 4.96 9.87 12.62
N TYR A 224 4.88 9.35 11.39
CA TYR A 224 3.62 8.89 10.83
C TYR A 224 3.35 7.44 11.26
N ASP A 225 2.25 6.87 10.80
CA ASP A 225 1.88 5.51 11.20
C ASP A 225 1.04 4.76 10.17
N TYR A 226 0.34 3.71 10.61
CA TYR A 226 -0.50 2.89 9.74
C TYR A 226 -1.42 3.72 8.85
N SER A 227 -1.86 4.87 9.36
CA SER A 227 -2.77 5.75 8.64
C SER A 227 -2.24 6.20 7.27
N LEU A 228 -0.92 6.13 7.07
CA LEU A 228 -0.35 6.50 5.78
C LEU A 228 -0.94 5.60 4.69
N ASP A 229 -1.06 4.31 4.98
CA ASP A 229 -1.61 3.35 4.02
C ASP A 229 -3.05 3.67 3.65
N MET A 230 -3.78 4.28 4.58
CA MET A 230 -5.17 4.60 4.32
C MET A 230 -5.31 5.75 3.33
N TRP A 231 -4.32 6.64 3.28
CA TRP A 231 -4.37 7.73 2.31
C TRP A 231 -4.10 7.10 0.94
N SER A 232 -3.10 6.23 0.89
CA SER A 232 -2.73 5.55 -0.36
C SER A 232 -3.94 4.78 -0.89
N LEU A 233 -4.61 4.07 0.00
CA LEU A 233 -5.80 3.31 -0.37
C LEU A 233 -6.85 4.28 -0.93
N GLY A 234 -7.00 5.43 -0.27
CA GLY A 234 -7.96 6.42 -0.71
C GLY A 234 -7.66 6.89 -2.13
N CYS A 235 -6.38 7.07 -2.45
CA CYS A 235 -5.98 7.52 -3.79
C CYS A 235 -6.37 6.47 -4.82
N MET A 236 -6.10 5.22 -4.48
CA MET A 236 -6.42 4.10 -5.34
C MET A 236 -7.94 4.04 -5.56
N PHE A 237 -8.68 4.17 -4.46
CA PHE A 237 -10.13 4.12 -4.51
C PHE A 237 -10.69 5.25 -5.39
N ALA A 238 -10.18 6.45 -5.21
CA ALA A 238 -10.63 7.60 -5.99
C ALA A 238 -10.39 7.35 -7.47
N GLY A 239 -9.22 6.76 -7.78
CA GLY A 239 -8.88 6.45 -9.15
C GLY A 239 -9.88 5.51 -9.79
N MET A 240 -10.32 4.52 -9.01
CA MET A 240 -11.27 3.52 -9.48
C MET A 240 -12.69 4.07 -9.70
N ILE A 241 -13.28 4.70 -8.69
CA ILE A 241 -14.63 5.22 -8.86
C ILE A 241 -14.73 6.41 -9.83
N PHE A 242 -13.69 7.23 -9.90
CA PHE A 242 -13.75 8.37 -10.83
C PHE A 242 -13.11 8.04 -12.18
N ARG A 243 -12.52 6.86 -12.28
CA ARG A 243 -11.86 6.41 -13.49
C ARG A 243 -10.85 7.43 -14.00
N LYS A 244 -9.95 7.83 -13.11
CA LYS A 244 -8.89 8.78 -13.44
C LYS A 244 -7.64 8.17 -12.81
N GLU A 245 -6.76 7.65 -13.64
CA GLU A 245 -5.54 6.98 -13.18
C GLU A 245 -4.27 7.73 -13.56
N PRO A 246 -3.53 8.25 -12.57
CA PRO A 246 -3.85 8.16 -11.14
C PRO A 246 -4.74 9.35 -10.81
N PHE A 247 -5.33 9.36 -9.62
CA PHE A 247 -6.20 10.49 -9.27
C PHE A 247 -5.43 11.79 -9.09
N PHE A 248 -4.36 11.75 -8.31
CA PHE A 248 -3.52 12.93 -8.08
C PHE A 248 -2.27 12.75 -8.93
N TYR A 249 -2.24 13.39 -10.10
CA TYR A 249 -1.13 13.26 -11.04
C TYR A 249 -0.03 14.32 -10.93
N GLY A 250 0.81 14.21 -9.91
CA GLY A 250 1.89 15.15 -9.70
C GLY A 250 3.16 14.74 -10.45
N HIS A 251 3.99 15.73 -10.80
CA HIS A 251 5.24 15.49 -11.52
C HIS A 251 6.42 15.22 -10.59
N ASP A 252 6.42 15.86 -9.43
CA ASP A 252 7.46 15.65 -8.44
C ASP A 252 6.81 15.79 -7.07
N ASN A 253 7.56 15.53 -6.00
CA ASN A 253 6.98 15.60 -4.66
C ASN A 253 6.33 16.93 -4.31
N HIS A 254 6.88 18.02 -4.83
CA HIS A 254 6.32 19.33 -4.56
C HIS A 254 5.00 19.48 -5.29
N ASP A 255 4.99 19.11 -6.56
CA ASP A 255 3.79 19.20 -7.39
C ASP A 255 2.70 18.26 -6.86
N GLN A 256 3.10 17.14 -6.28
CA GLN A 256 2.14 16.18 -5.75
C GLN A 256 1.28 16.84 -4.66
N LEU A 257 1.91 17.62 -3.78
CA LEU A 257 1.18 18.30 -2.72
C LEU A 257 0.27 19.37 -3.31
N VAL A 258 0.74 20.04 -4.37
CA VAL A 258 -0.04 21.06 -5.03
C VAL A 258 -1.32 20.45 -5.60
N LYS A 259 -1.17 19.31 -6.27
CA LYS A 259 -2.33 18.63 -6.86
C LYS A 259 -3.36 18.27 -5.78
N ILE A 260 -2.87 17.86 -4.61
CA ILE A 260 -3.74 17.52 -3.51
C ILE A 260 -4.42 18.80 -2.99
N ALA A 261 -3.62 19.85 -2.81
CA ALA A 261 -4.14 21.13 -2.32
C ALA A 261 -5.25 21.69 -3.21
N LYS A 262 -5.12 21.52 -4.51
CA LYS A 262 -6.12 22.03 -5.44
C LYS A 262 -7.45 21.29 -5.36
N VAL A 263 -7.48 20.17 -4.63
CA VAL A 263 -8.72 19.41 -4.48
C VAL A 263 -9.28 19.54 -3.07
N LEU A 264 -8.46 19.28 -2.06
CA LEU A 264 -8.90 19.38 -0.68
C LEU A 264 -8.93 20.82 -0.17
N GLY A 265 -8.25 21.72 -0.86
CA GLY A 265 -8.24 23.11 -0.44
C GLY A 265 -7.06 23.41 0.48
N THR A 266 -6.62 24.66 0.46
CA THR A 266 -5.49 25.06 1.29
C THR A 266 -5.82 25.34 2.75
N ASP A 267 -7.09 25.62 3.05
CA ASP A 267 -7.47 25.89 4.44
C ASP A 267 -7.16 24.65 5.27
N GLY A 268 -7.61 23.50 4.78
CA GLY A 268 -7.37 22.25 5.49
C GLY A 268 -5.88 21.99 5.65
N LEU A 269 -5.11 22.31 4.61
CA LEU A 269 -3.68 22.11 4.64
C LEU A 269 -3.05 22.99 5.72
N ASN A 270 -3.43 24.26 5.71
CA ASN A 270 -2.92 25.22 6.69
C ASN A 270 -3.23 24.78 8.11
N ALA A 271 -4.45 24.30 8.34
CA ALA A 271 -4.84 23.85 9.68
C ALA A 271 -4.00 22.66 10.08
N TYR A 272 -3.80 21.74 9.14
CA TYR A 272 -2.99 20.54 9.36
C TYR A 272 -1.58 20.95 9.75
N LEU A 273 -0.99 21.87 8.99
CA LEU A 273 0.35 22.35 9.25
C LEU A 273 0.47 22.98 10.64
N ASN A 274 -0.49 23.82 10.98
CA ASN A 274 -0.47 24.48 12.28
C ASN A 274 -0.62 23.49 13.44
N LYS A 275 -1.43 22.46 13.23
CA LYS A 275 -1.64 21.46 14.28
C LYS A 275 -0.35 20.72 14.64
N TYR A 276 0.44 20.36 13.64
CA TYR A 276 1.68 19.63 13.88
C TYR A 276 2.92 20.51 13.88
N ARG A 277 2.73 21.82 13.99
CA ARG A 277 3.84 22.76 14.03
C ARG A 277 4.80 22.55 12.87
N ILE A 278 4.24 22.37 11.68
CA ILE A 278 5.07 22.15 10.50
C ILE A 278 5.15 23.40 9.65
N GLU A 279 6.33 23.66 9.11
CA GLU A 279 6.55 24.82 8.26
C GLU A 279 7.06 24.35 6.90
N LEU A 280 6.28 24.60 5.86
CA LEU A 280 6.66 24.21 4.51
C LEU A 280 7.88 24.98 4.03
N ASP A 281 8.65 24.39 3.12
CA ASP A 281 9.80 25.10 2.59
C ASP A 281 9.20 26.26 1.80
N PRO A 282 9.84 27.43 1.85
CA PRO A 282 9.38 28.63 1.15
C PRO A 282 8.99 28.39 -0.31
N GLN A 283 9.80 27.62 -1.01
CA GLN A 283 9.54 27.31 -2.41
C GLN A 283 8.22 26.54 -2.55
N LEU A 284 8.05 25.52 -1.71
CA LEU A 284 6.86 24.70 -1.73
C LEU A 284 5.61 25.52 -1.41
N GLU A 285 5.66 26.31 -0.35
CA GLU A 285 4.53 27.14 0.02
C GLU A 285 4.12 28.01 -1.15
N ALA A 286 5.10 28.49 -1.91
CA ALA A 286 4.85 29.33 -3.06
C ALA A 286 4.10 28.56 -4.14
N LEU A 287 4.52 27.33 -4.40
CA LEU A 287 3.88 26.50 -5.42
C LEU A 287 2.45 26.11 -5.05
N VAL A 288 2.22 25.85 -3.76
CA VAL A 288 0.89 25.47 -3.29
C VAL A 288 -0.10 26.62 -3.40
N GLY A 289 0.32 27.81 -3.00
CA GLY A 289 -0.55 28.97 -3.07
C GLY A 289 -1.82 28.81 -2.26
N ARG A 290 -2.92 29.35 -2.77
CA ARG A 290 -4.22 29.25 -2.10
C ARG A 290 -5.26 28.65 -3.03
N HIS A 291 -6.04 27.70 -2.52
CA HIS A 291 -7.06 27.03 -3.31
C HIS A 291 -8.28 26.69 -2.46
N SER A 292 -9.45 26.80 -3.07
CA SER A 292 -10.70 26.48 -2.38
C SER A 292 -10.88 24.96 -2.48
N ARG A 293 -11.64 24.39 -1.55
CA ARG A 293 -11.90 22.95 -1.56
C ARG A 293 -12.91 22.63 -2.65
N LYS A 294 -12.60 21.64 -3.48
CA LYS A 294 -13.48 21.23 -4.57
C LYS A 294 -14.33 20.03 -4.20
N PRO A 295 -15.67 20.16 -4.30
CA PRO A 295 -16.55 19.04 -3.96
C PRO A 295 -16.20 17.79 -4.78
N TRP A 296 -16.35 16.62 -4.17
CA TRP A 296 -16.05 15.36 -4.85
C TRP A 296 -16.86 15.15 -6.12
N LEU A 297 -18.13 15.56 -6.10
CA LEU A 297 -19.00 15.39 -7.25
C LEU A 297 -18.56 16.13 -8.50
N LYS A 298 -17.68 17.11 -8.34
CA LYS A 298 -17.18 17.88 -9.48
C LYS A 298 -16.37 16.99 -10.41
N PHE A 299 -15.97 15.82 -9.90
CA PHE A 299 -15.17 14.89 -10.68
C PHE A 299 -16.03 13.81 -11.35
N MET A 300 -17.34 13.88 -11.16
CA MET A 300 -18.23 12.91 -11.76
C MET A 300 -18.52 13.27 -13.21
N ASN A 301 -18.64 12.24 -14.04
CA ASN A 301 -18.92 12.42 -15.46
C ASN A 301 -19.63 11.17 -15.98
N ALA A 302 -20.05 11.20 -17.24
CA ALA A 302 -20.76 10.08 -17.84
C ALA A 302 -19.99 8.75 -17.81
N ASP A 303 -18.67 8.84 -17.78
CA ASP A 303 -17.83 7.64 -17.77
C ASP A 303 -17.82 6.91 -16.43
N ASN A 304 -18.03 7.64 -15.34
CA ASN A 304 -17.99 7.04 -14.00
C ASN A 304 -19.27 7.09 -13.18
N GLN A 305 -20.27 7.81 -13.68
CA GLN A 305 -21.55 7.96 -12.98
C GLN A 305 -22.07 6.69 -12.31
N HIS A 306 -21.93 5.55 -12.98
CA HIS A 306 -22.41 4.30 -12.43
C HIS A 306 -21.56 3.84 -11.23
N LEU A 307 -20.60 4.67 -10.81
CA LEU A 307 -19.74 4.31 -9.69
C LEU A 307 -19.60 5.33 -8.57
N VAL A 308 -20.10 6.55 -8.77
CA VAL A 308 -19.94 7.59 -7.75
C VAL A 308 -21.14 7.87 -6.83
N SER A 309 -21.69 6.82 -6.23
CA SER A 309 -22.85 6.96 -5.33
C SER A 309 -22.48 7.71 -4.05
N PRO A 310 -23.49 8.12 -3.27
CA PRO A 310 -23.24 8.85 -2.02
C PRO A 310 -22.38 8.06 -1.02
N GLU A 311 -22.57 6.75 -0.96
CA GLU A 311 -21.80 5.92 -0.03
C GLU A 311 -20.33 5.89 -0.43
N ALA A 312 -20.05 5.91 -1.73
CA ALA A 312 -18.68 5.88 -2.21
C ALA A 312 -17.98 7.21 -1.90
N ILE A 313 -18.68 8.31 -2.12
CA ILE A 313 -18.13 9.63 -1.85
C ILE A 313 -17.89 9.80 -0.36
N ASP A 314 -18.85 9.36 0.45
CA ASP A 314 -18.70 9.49 1.89
C ASP A 314 -17.49 8.72 2.38
N PHE A 315 -17.32 7.51 1.85
CA PHE A 315 -16.19 6.66 2.22
C PHE A 315 -14.86 7.27 1.79
N LEU A 316 -14.80 7.71 0.53
CA LEU A 316 -13.58 8.32 0.00
C LEU A 316 -13.19 9.53 0.83
N ASP A 317 -14.18 10.36 1.16
CA ASP A 317 -13.96 11.56 1.92
C ASP A 317 -13.35 11.32 3.30
N LYS A 318 -13.72 10.19 3.91
CA LYS A 318 -13.22 9.86 5.24
C LYS A 318 -11.83 9.20 5.19
N LEU A 319 -11.33 8.99 3.98
CA LEU A 319 -10.00 8.40 3.78
C LEU A 319 -9.04 9.52 3.43
N LEU A 320 -9.46 10.38 2.51
CA LEU A 320 -8.62 11.48 2.07
C LEU A 320 -8.72 12.74 2.93
N ARG A 321 -8.07 12.68 4.09
CA ARG A 321 -8.03 13.79 5.03
C ARG A 321 -6.54 14.13 5.19
N TYR A 322 -6.22 15.41 5.24
CA TYR A 322 -4.82 15.82 5.42
C TYR A 322 -4.29 15.20 6.71
N ASP A 323 -4.99 15.45 7.80
CA ASP A 323 -4.61 14.92 9.11
C ASP A 323 -4.72 13.41 9.12
N HIS A 324 -3.58 12.72 9.15
CA HIS A 324 -3.55 11.27 9.17
C HIS A 324 -4.35 10.71 10.36
N GLN A 325 -4.39 11.47 11.46
CA GLN A 325 -5.13 11.02 12.63
C GLN A 325 -6.65 11.03 12.42
N GLU A 326 -7.10 11.76 11.41
CA GLU A 326 -8.53 11.87 11.09
C GLU A 326 -9.07 10.72 10.24
N ARG A 327 -8.20 10.16 9.41
CA ARG A 327 -8.57 9.08 8.51
C ARG A 327 -9.15 7.86 9.21
N LEU A 328 -10.01 7.14 8.48
CA LEU A 328 -10.61 5.93 9.00
C LEU A 328 -9.48 4.92 9.15
N THR A 329 -9.60 4.03 10.13
CA THR A 329 -8.61 2.98 10.30
C THR A 329 -9.08 1.90 9.33
N ALA A 330 -8.23 0.92 9.03
CA ALA A 330 -8.65 -0.14 8.12
C ALA A 330 -9.87 -0.87 8.68
N LEU A 331 -9.88 -1.11 10.00
CA LEU A 331 -11.01 -1.80 10.62
C LEU A 331 -12.30 -1.01 10.46
N GLU A 332 -12.23 0.29 10.69
CA GLU A 332 -13.40 1.15 10.52
C GLU A 332 -13.91 1.13 9.09
N ALA A 333 -12.98 1.27 8.16
CA ALA A 333 -13.32 1.30 6.74
C ALA A 333 -14.14 0.08 6.35
N MET A 334 -13.71 -1.09 6.81
CA MET A 334 -14.41 -2.33 6.50
C MET A 334 -15.86 -2.34 6.95
N THR A 335 -16.17 -1.58 8.00
CA THR A 335 -17.54 -1.55 8.50
C THR A 335 -18.39 -0.44 7.89
N HIS A 336 -17.80 0.39 7.04
CA HIS A 336 -18.55 1.46 6.41
C HIS A 336 -19.67 0.85 5.56
N PRO A 337 -20.88 1.44 5.60
CA PRO A 337 -22.05 0.95 4.84
C PRO A 337 -21.78 0.70 3.35
N TYR A 338 -20.79 1.38 2.81
CA TYR A 338 -20.42 1.21 1.41
C TYR A 338 -20.18 -0.27 1.12
N PHE A 339 -19.66 -1.00 2.11
CA PHE A 339 -19.37 -2.42 1.94
C PHE A 339 -20.43 -3.37 2.49
N GLN A 340 -21.57 -2.83 2.92
CA GLN A 340 -22.60 -3.68 3.51
C GLN A 340 -22.99 -4.92 2.72
N GLN A 341 -23.07 -4.82 1.39
CA GLN A 341 -23.45 -5.99 0.59
C GLN A 341 -22.34 -7.05 0.57
N VAL A 342 -21.09 -6.59 0.47
CA VAL A 342 -19.96 -7.50 0.47
C VAL A 342 -19.94 -8.27 1.79
N ARG A 343 -20.17 -7.56 2.89
CA ARG A 343 -20.19 -8.17 4.21
C ARG A 343 -21.31 -9.20 4.33
N ALA A 344 -22.53 -8.79 3.97
CA ALA A 344 -23.67 -9.68 4.04
C ALA A 344 -23.39 -10.93 3.20
N ALA A 345 -22.82 -10.72 2.02
CA ALA A 345 -22.51 -11.83 1.12
C ALA A 345 -21.49 -12.76 1.76
N GLU A 346 -20.52 -12.18 2.44
CA GLU A 346 -19.48 -12.95 3.11
C GLU A 346 -20.05 -13.72 4.28
N ASN A 347 -20.99 -13.11 5.00
CA ASN A 347 -21.62 -13.76 6.15
C ASN A 347 -22.68 -14.75 5.67
N SER A 348 -22.33 -15.54 4.66
CA SER A 348 -23.24 -16.52 4.09
C SER A 348 -22.46 -17.75 3.62
N01 P29 B . 2.13 -12.85 -8.33
C02 P29 B . 2.60 -12.72 -7.06
C03 P29 B . 3.54 -11.67 -7.01
C04 P29 B . 3.60 -11.16 -8.36
N05 P29 B . 2.75 -11.91 -9.10
N06 P29 B . 4.30 -10.16 -8.94
C07 P29 B . 4.13 -9.97 -10.25
N08 P29 B . 3.30 -10.70 -10.99
C09 P29 B . 2.61 -11.67 -10.40
N10 P29 B . 1.79 -12.45 -11.12
C11 P29 B . 1.58 -12.25 -12.55
C12 P29 B . 2.68 -12.91 -13.38
C13 P29 B . 2.43 -12.59 -14.84
N14 P29 B . 2.35 -11.33 -15.32
C15 P29 B . 2.11 -11.45 -16.66
N16 P29 B . 2.05 -12.77 -17.00
C17 P29 B . 2.25 -13.52 -15.88
N18 P29 B . 4.75 -8.99 -10.94
C19 P29 B . 5.55 -7.99 -10.47
C20 P29 B . 5.72 -7.67 -9.13
C21 P29 B . 6.55 -6.64 -8.72
C22 P29 B . 7.24 -5.90 -9.68
C23 P29 B . 7.08 -6.20 -11.03
C24 P29 B . 6.23 -7.24 -11.43
C25 P29 B . 4.33 -11.27 -5.89
N26 P29 B . 5.03 -11.05 -4.99
#